data_8AK5
#
_entry.id   8AK5
#
_cell.length_a   90.986
_cell.length_b   90.986
_cell.length_c   144.318
_cell.angle_alpha   90.000
_cell.angle_beta   90.000
_cell.angle_gamma   120.000
#
_symmetry.space_group_name_H-M   'P 63'
#
loop_
_entity.id
_entity.type
_entity.pdbx_description
1 polymer 'NAD-dependent protein deacetylase sirtuin-6'
2 non-polymer '[(2R,3S,4R,5R)-5-(6-AMINOPURIN-9-YL)-3,4-DIHYDROXY-OXOLAN-2-YL]METHYL [HYDROXY-[[(2R,3S,4R,5S)-3,4,5-TRIHYDROXYOXOLAN-2-YL]METHOXY]PHOSPHORYL] HYDROGEN PHOSPHATE'
3 non-polymer 'ZINC ION'
4 non-polymer 'PYROGLUTAMIC ACID'
5 non-polymer 1,2-ETHANEDIOL
6 non-polymer 'TRIETHYLENE GLYCOL'
7 non-polymer 'SULFATE ION'
8 non-polymer DI(HYDROXYETHYL)ETHER
9 water water
#
_entity_poly.entity_id   1
_entity_poly.type   'polypeptide(L)'
_entity_poly.pdbx_seq_one_letter_code
;GIDPFTADKGKCGLPEIFDPPEELERKVWELARLVWQSSSVVFHTGAGISTASGIPDFRGPHGVWTMEERGLAPKFDTTF
ESARPTQTHMALVQLERVGLLRFLVSQNVDGLHVRSGFPRDKLAELHGNMFVEECAKCKTQYVRDTVVGTMGLKATGRLC
TVAKARGLRACRGELRDTILDWEDSLPDRDLALADEASRNADLSITLGTSLQIRPSGNLPLATKRRGGRLVIVNLQPTKH
DRHADLRIHGYVDEVMTRLMKHLGLEIPAWDGPRVLERALPPLPRPPTPKLEPKEESPTRIN
;
_entity_poly.pdbx_strand_id   A,B
#
loop_
_chem_comp.id
_chem_comp.type
_chem_comp.name
_chem_comp.formula
AR6 non-polymer '[(2R,3S,4R,5R)-5-(6-AMINOPURIN-9-YL)-3,4-DIHYDROXY-OXOLAN-2-YL]METHYL [HYDROXY-[[(2R,3S,4R,5S)-3,4,5-TRIHYDROXYOXOLAN-2-YL]METHOXY]PHOSPHORYL] HYDROGEN PHOSPHATE' 'C15 H23 N5 O14 P2'
EDO non-polymer 1,2-ETHANEDIOL 'C2 H6 O2'
PEG non-polymer DI(HYDROXYETHYL)ETHER 'C4 H10 O3'
PGE non-polymer 'TRIETHYLENE GLYCOL' 'C6 H14 O4'
SO4 non-polymer 'SULFATE ION' 'O4 S -2'
ZN non-polymer 'ZINC ION' 'Zn 2'
#
# COMPACT_ATOMS: atom_id res chain seq x y z
N PRO A 4 25.83 9.51 12.98
CA PRO A 4 25.55 8.88 11.68
C PRO A 4 26.31 7.57 11.49
N PHE A 5 27.63 7.63 11.74
CA PHE A 5 28.57 6.47 11.78
C PHE A 5 28.65 5.91 13.20
N THR A 6 28.79 6.79 14.19
CA THR A 6 28.89 6.39 15.63
C THR A 6 27.53 5.85 16.08
N ALA A 7 26.44 6.33 15.49
CA ALA A 7 25.04 5.96 15.78
C ALA A 7 24.91 4.43 15.86
N ASP A 8 24.53 3.93 17.05
CA ASP A 8 23.98 2.57 17.24
C ASP A 8 22.59 2.50 16.57
N LYS A 9 22.45 1.59 15.60
CA LYS A 9 21.21 1.35 14.82
C LYS A 9 20.57 0.05 15.33
N GLY A 10 20.95 -0.38 16.54
CA GLY A 10 20.42 -1.57 17.24
C GLY A 10 20.50 -2.79 16.36
N LYS A 11 19.76 -3.83 16.72
CA LYS A 11 19.72 -5.16 16.07
C LYS A 11 18.81 -5.06 14.85
N CYS A 12 19.37 -5.27 13.68
CA CYS A 12 18.75 -5.16 12.33
C CYS A 12 18.69 -6.55 11.69
N GLY A 13 17.65 -6.89 10.91
CA GLY A 13 17.61 -8.11 10.07
C GLY A 13 17.27 -9.39 10.81
N LEU A 14 16.80 -9.31 12.07
CA LEU A 14 16.42 -10.49 12.86
C LEU A 14 15.34 -11.26 12.10
N PRO A 15 15.26 -12.60 12.25
CA PRO A 15 14.32 -13.39 11.45
C PRO A 15 12.89 -12.93 11.70
N GLU A 16 12.03 -13.12 10.72
CA GLU A 16 10.58 -12.92 10.93
C GLU A 16 9.99 -14.18 11.55
N ILE A 17 9.00 -13.99 12.40
CA ILE A 17 8.10 -15.04 12.98
C ILE A 17 6.73 -14.85 12.34
N PHE A 18 6.08 -15.96 11.96
CA PHE A 18 4.68 -15.98 11.50
C PHE A 18 3.90 -16.96 12.36
N ASP A 19 3.04 -16.45 13.26
CA ASP A 19 2.06 -17.29 13.98
C ASP A 19 1.27 -18.05 12.90
N PRO A 20 1.04 -19.38 13.02
CA PRO A 20 0.20 -20.08 12.05
C PRO A 20 -1.26 -19.64 12.22
N PRO A 21 -2.11 -19.86 11.21
CA PRO A 21 -3.44 -19.22 11.12
C PRO A 21 -4.32 -19.30 12.38
N GLU A 22 -4.38 -20.47 13.01
CA GLU A 22 -5.30 -20.78 14.14
C GLU A 22 -4.77 -20.10 15.40
N GLU A 23 -3.46 -20.00 15.57
CA GLU A 23 -2.86 -19.25 16.71
C GLU A 23 -3.15 -17.75 16.48
N LEU A 24 -3.17 -17.33 15.22
CA LEU A 24 -3.38 -15.92 14.82
C LEU A 24 -4.83 -15.52 15.07
N GLU A 25 -5.78 -16.33 14.61
CA GLU A 25 -7.24 -16.15 14.84
C GLU A 25 -7.54 -16.06 16.34
N ARG A 26 -6.91 -16.92 17.16
CA ARG A 26 -7.14 -16.97 18.63
C ARG A 26 -6.54 -15.71 19.24
N LYS A 27 -5.34 -15.32 18.82
CA LYS A 27 -4.64 -14.16 19.44
C LYS A 27 -5.38 -12.87 19.08
N VAL A 28 -5.94 -12.77 17.89
CA VAL A 28 -6.69 -11.54 17.48
C VAL A 28 -8.03 -11.45 18.22
N TRP A 29 -8.61 -12.57 18.68
CA TRP A 29 -9.84 -12.60 19.51
C TRP A 29 -9.51 -12.14 20.94
N GLU A 30 -8.37 -12.57 21.44
CA GLU A 30 -7.88 -12.21 22.79
C GLU A 30 -7.58 -10.70 22.82
N LEU A 31 -7.09 -10.17 21.70
CA LEU A 31 -6.77 -8.73 21.57
C LEU A 31 -8.10 -7.99 21.57
N ALA A 32 -9.04 -8.45 20.76
CA ALA A 32 -10.49 -8.08 20.82
C ALA A 32 -10.98 -8.00 22.26
N ARG A 33 -10.89 -9.11 23.00
CA ARG A 33 -11.34 -9.19 24.41
C ARG A 33 -10.69 -8.06 25.21
N LEU A 34 -9.43 -7.74 24.95
CA LEU A 34 -8.65 -6.80 25.78
C LEU A 34 -9.04 -5.37 25.45
N VAL A 35 -9.38 -5.12 24.19
CA VAL A 35 -9.90 -3.80 23.79
C VAL A 35 -11.22 -3.60 24.54
N TRP A 36 -12.11 -4.60 24.48
CA TRP A 36 -13.45 -4.58 25.15
C TRP A 36 -13.25 -4.37 26.65
N GLN A 37 -12.28 -5.04 27.25
CA GLN A 37 -12.05 -5.02 28.72
C GLN A 37 -11.42 -3.69 29.19
N SER A 38 -10.91 -2.86 28.29
CA SER A 38 -10.01 -1.74 28.68
C SER A 38 -10.74 -0.40 28.59
N SER A 39 -10.52 0.45 29.59
CA SER A 39 -11.03 1.84 29.69
C SER A 39 -10.20 2.79 28.82
N SER A 40 -8.87 2.65 28.85
CA SER A 40 -7.92 3.60 28.22
C SER A 40 -6.89 2.84 27.37
N VAL A 41 -7.04 2.89 26.05
CA VAL A 41 -6.22 2.10 25.08
C VAL A 41 -5.33 3.09 24.33
N VAL A 42 -4.01 2.91 24.41
CA VAL A 42 -2.97 3.67 23.68
C VAL A 42 -2.35 2.74 22.63
N PHE A 43 -2.20 3.22 21.42
CA PHE A 43 -1.52 2.46 20.33
C PHE A 43 -0.17 3.11 20.15
N HIS A 44 0.87 2.29 19.96
CA HIS A 44 2.24 2.78 19.67
C HIS A 44 2.61 2.28 18.28
N THR A 45 2.92 3.15 17.33
CA THR A 45 3.21 2.71 15.93
C THR A 45 4.64 3.04 15.53
N GLY A 46 5.15 2.20 14.63
CA GLY A 46 6.48 2.31 14.05
C GLY A 46 6.37 1.89 12.60
N ALA A 47 7.51 1.87 11.94
CA ALA A 47 7.63 1.94 10.48
C ALA A 47 6.89 0.78 9.79
N GLY A 48 6.70 -0.33 10.51
CA GLY A 48 6.00 -1.55 10.10
C GLY A 48 4.57 -1.32 9.69
N ILE A 49 3.91 -0.30 10.21
CA ILE A 49 2.50 -0.03 9.78
C ILE A 49 2.48 0.68 8.41
N SER A 50 3.61 1.02 7.80
CA SER A 50 3.65 1.79 6.52
C SER A 50 4.25 0.97 5.38
N THR A 51 4.69 -0.26 5.63
CA THR A 51 5.45 -1.03 4.62
C THR A 51 4.46 -1.45 3.53
N ALA A 52 3.21 -1.79 3.90
CA ALA A 52 2.10 -2.13 2.98
C ALA A 52 1.74 -0.94 2.09
N SER A 53 2.30 0.23 2.38
CA SER A 53 2.18 1.42 1.51
C SER A 53 3.38 1.64 0.57
N GLY A 54 4.42 0.81 0.67
CA GLY A 54 5.59 0.93 -0.21
C GLY A 54 6.76 1.63 0.46
N ILE A 55 6.60 2.07 1.72
CA ILE A 55 7.69 2.73 2.52
C ILE A 55 8.42 1.67 3.33
N PRO A 56 9.73 1.44 3.08
CA PRO A 56 10.42 0.38 3.77
C PRO A 56 10.69 0.85 5.20
N ASP A 57 10.81 -0.09 6.13
CA ASP A 57 11.08 0.18 7.57
C ASP A 57 12.61 0.33 7.75
N PHE A 58 13.08 0.28 8.99
CA PHE A 58 14.49 0.51 9.33
C PHE A 58 15.21 -0.83 9.51
N ARG A 59 14.61 -1.77 10.25
CA ARG A 59 15.35 -2.95 10.80
C ARG A 59 14.72 -4.27 10.33
N GLY A 60 13.71 -4.25 9.48
CA GLY A 60 13.19 -5.50 8.87
C GLY A 60 14.19 -6.07 7.88
N PRO A 61 13.87 -7.18 7.20
CA PRO A 61 14.81 -7.86 6.31
C PRO A 61 15.34 -6.90 5.24
N HIS A 62 14.45 -6.04 4.72
CA HIS A 62 14.76 -5.01 3.70
C HIS A 62 14.67 -3.61 4.32
N GLY A 63 14.85 -3.49 5.64
CA GLY A 63 14.92 -2.18 6.32
C GLY A 63 16.08 -1.33 5.83
N VAL A 64 15.97 0.00 5.99
CA VAL A 64 17.01 1.00 5.62
C VAL A 64 18.35 0.57 6.25
N TRP A 65 18.43 0.57 7.58
CA TRP A 65 19.66 0.16 8.31
C TRP A 65 20.04 -1.28 7.96
N THR A 66 19.08 -2.18 7.78
CA THR A 66 19.39 -3.60 7.44
C THR A 66 20.15 -3.67 6.12
N MET A 67 19.60 -3.07 5.07
CA MET A 67 20.20 -3.15 3.72
C MET A 67 21.55 -2.40 3.74
N GLU A 68 21.60 -1.22 4.36
CA GLU A 68 22.83 -0.40 4.56
C GLU A 68 23.97 -1.29 5.10
N GLU A 69 23.73 -2.08 6.16
CA GLU A 69 24.69 -3.05 6.74
C GLU A 69 25.19 -4.06 5.69
N ARG A 70 24.36 -4.46 4.74
CA ARG A 70 24.75 -5.44 3.70
C ARG A 70 25.14 -4.73 2.40
N GLY A 71 25.43 -3.42 2.45
CA GLY A 71 25.92 -2.64 1.30
C GLY A 71 24.87 -2.53 0.20
N LEU A 72 23.58 -2.57 0.57
CA LEU A 72 22.46 -2.47 -0.38
C LEU A 72 21.64 -1.26 0.02
N ALA A 73 20.62 -0.92 -0.76
CA ALA A 73 19.84 0.33 -0.59
C ALA A 73 18.42 -0.09 -0.22
N PRO A 74 17.73 0.64 0.68
CA PRO A 74 16.30 0.42 0.86
C PRO A 74 15.68 0.71 -0.50
N LYS A 75 14.53 0.11 -0.78
CA LYS A 75 13.69 0.44 -1.96
C LYS A 75 12.35 0.99 -1.46
N PHE A 76 11.93 2.11 -2.07
CA PHE A 76 10.63 2.77 -1.89
C PHE A 76 9.81 2.46 -3.14
N ASP A 77 8.58 2.01 -2.95
CA ASP A 77 7.61 1.71 -4.04
C ASP A 77 6.65 2.88 -4.19
N THR A 78 6.89 3.94 -3.44
CA THR A 78 6.10 5.20 -3.50
C THR A 78 6.98 6.38 -3.08
N THR A 79 6.53 7.59 -3.43
CA THR A 79 7.02 8.82 -2.78
C THR A 79 6.24 8.96 -1.48
N PHE A 80 6.75 9.80 -0.60
CA PHE A 80 6.05 10.16 0.65
C PHE A 80 4.76 10.88 0.31
N GLU A 81 4.76 11.68 -0.76
CA GLU A 81 3.55 12.46 -1.15
C GLU A 81 2.49 11.52 -1.72
N SER A 82 2.89 10.47 -2.47
CA SER A 82 1.92 9.58 -3.17
C SER A 82 1.60 8.32 -2.34
N ALA A 83 2.07 8.28 -1.10
CA ALA A 83 1.85 7.14 -0.18
C ALA A 83 0.45 7.24 0.43
N ARG A 84 -0.36 6.19 0.30
CA ARG A 84 -1.70 6.14 0.91
C ARG A 84 -1.61 5.44 2.25
N PRO A 85 -2.30 5.97 3.29
CA PRO A 85 -2.46 5.26 4.55
C PRO A 85 -2.94 3.82 4.36
N THR A 86 -2.48 2.94 5.23
CA THR A 86 -2.79 1.52 5.17
C THR A 86 -4.15 1.34 5.84
N GLN A 87 -4.75 0.19 5.57
CA GLN A 87 -5.88 -0.38 6.32
C GLN A 87 -5.57 -0.19 7.81
N THR A 88 -4.36 -0.47 8.27
CA THR A 88 -3.96 -0.24 9.70
C THR A 88 -4.16 1.21 10.06
N HIS A 89 -3.67 2.13 9.23
CA HIS A 89 -3.75 3.58 9.51
C HIS A 89 -5.20 4.00 9.69
N MET A 90 -6.04 3.51 8.77
CA MET A 90 -7.47 3.83 8.73
C MET A 90 -8.22 3.04 9.80
N ALA A 91 -7.74 1.89 10.29
CA ALA A 91 -8.36 1.24 11.46
C ALA A 91 -8.13 2.14 12.68
N LEU A 92 -6.95 2.74 12.83
CA LEU A 92 -6.66 3.57 14.04
C LEU A 92 -7.49 4.84 14.02
N VAL A 93 -7.85 5.32 12.83
CA VAL A 93 -8.69 6.54 12.69
C VAL A 93 -10.08 6.22 13.24
N GLN A 94 -10.63 5.06 12.87
CA GLN A 94 -12.02 4.67 13.20
C GLN A 94 -12.11 4.29 14.67
N LEU A 95 -11.04 3.76 15.24
CA LEU A 95 -10.97 3.32 16.66
C LEU A 95 -10.92 4.58 17.52
N GLU A 96 -10.19 5.60 17.09
CA GLU A 96 -10.24 6.93 17.77
C GLU A 96 -11.66 7.49 17.64
N ARG A 97 -12.37 7.28 16.52
CA ARG A 97 -13.59 8.09 16.25
C ARG A 97 -14.72 7.57 17.12
N VAL A 98 -14.69 6.26 17.45
CA VAL A 98 -15.70 5.53 18.24
C VAL A 98 -15.30 5.47 19.71
N GLY A 99 -14.22 6.16 20.12
CA GLY A 99 -13.77 6.29 21.52
C GLY A 99 -13.05 5.06 22.08
N LEU A 100 -12.59 4.12 21.23
CA LEU A 100 -11.82 2.94 21.68
C LEU A 100 -10.31 3.15 21.58
N LEU A 101 -9.84 4.32 21.18
CA LEU A 101 -8.39 4.65 21.21
C LEU A 101 -8.25 5.98 21.95
N ARG A 102 -7.60 6.00 23.10
CA ARG A 102 -7.44 7.26 23.88
C ARG A 102 -6.30 8.12 23.25
N PHE A 103 -5.18 7.50 22.89
CA PHE A 103 -4.00 8.26 22.42
C PHE A 103 -3.20 7.37 21.46
N LEU A 104 -2.57 8.01 20.50
CA LEU A 104 -1.72 7.30 19.51
C LEU A 104 -0.31 7.87 19.64
N VAL A 105 0.66 7.01 19.90
CA VAL A 105 2.11 7.38 19.94
C VAL A 105 2.79 6.82 18.69
N SER A 106 3.42 7.65 17.87
CA SER A 106 4.15 7.16 16.66
C SER A 106 5.56 7.71 16.64
N GLN A 107 6.49 6.84 16.27
CA GLN A 107 7.89 7.15 15.96
C GLN A 107 8.06 7.44 14.47
N ASN A 108 6.98 7.35 13.69
CA ASN A 108 7.03 7.54 12.21
C ASN A 108 7.07 9.02 11.86
N VAL A 109 7.94 9.35 10.92
CA VAL A 109 8.14 10.68 10.28
C VAL A 109 7.45 10.69 8.91
N ASP A 110 6.87 9.56 8.48
CA ASP A 110 6.28 9.40 7.13
C ASP A 110 5.01 10.25 6.93
N GLY A 111 4.53 10.94 7.95
CA GLY A 111 3.41 11.87 7.77
C GLY A 111 2.02 11.26 7.59
N LEU A 112 1.84 9.95 7.64
CA LEU A 112 0.59 9.29 7.16
C LEU A 112 -0.52 9.35 8.21
N HIS A 113 -0.21 9.29 9.50
CA HIS A 113 -1.24 9.38 10.55
C HIS A 113 -2.03 10.67 10.38
N VAL A 114 -1.31 11.77 10.24
CA VAL A 114 -1.90 13.11 10.06
C VAL A 114 -2.63 13.12 8.73
N ARG A 115 -2.00 12.65 7.68
CA ARG A 115 -2.63 12.69 6.32
C ARG A 115 -3.84 11.79 6.31
N SER A 116 -3.90 10.77 7.17
CA SER A 116 -5.05 9.85 7.31
C SER A 116 -6.28 10.56 7.90
N GLY A 117 -6.15 11.75 8.47
CA GLY A 117 -7.29 12.45 9.09
C GLY A 117 -7.31 12.21 10.59
N PHE A 118 -6.24 11.65 11.13
CA PHE A 118 -6.17 11.29 12.56
C PHE A 118 -5.97 12.57 13.36
N PRO A 119 -6.74 12.82 14.42
CA PRO A 119 -6.63 14.08 15.13
C PRO A 119 -5.30 14.25 15.87
N ARG A 120 -4.62 15.36 15.58
CA ARG A 120 -3.27 15.72 16.04
C ARG A 120 -3.24 15.91 17.55
N ASP A 121 -4.36 16.35 18.14
CA ASP A 121 -4.45 16.54 19.61
C ASP A 121 -4.54 15.17 20.31
N LYS A 122 -4.62 14.06 19.58
CA LYS A 122 -4.54 12.69 20.20
C LYS A 122 -3.34 11.91 19.68
N LEU A 123 -2.40 12.59 19.03
CA LEU A 123 -1.22 12.02 18.36
C LEU A 123 0.06 12.67 18.88
N ALA A 124 1.03 11.85 19.31
CA ALA A 124 2.42 12.27 19.59
C ALA A 124 3.30 11.68 18.50
N GLU A 125 3.91 12.53 17.68
CA GLU A 125 4.82 12.12 16.59
C GLU A 125 6.23 12.32 17.12
N LEU A 126 6.81 11.26 17.67
CA LEU A 126 7.95 11.37 18.62
C LEU A 126 9.23 11.73 17.88
N HIS A 127 9.34 11.33 16.62
CA HIS A 127 10.55 11.58 15.79
C HIS A 127 10.25 12.66 14.77
N GLY A 128 9.08 13.31 14.88
CA GLY A 128 8.62 14.36 13.97
C GLY A 128 7.93 13.83 12.73
N ASN A 129 7.80 14.70 11.73
CA ASN A 129 6.92 14.56 10.54
C ASN A 129 7.59 15.29 9.38
N MET A 130 7.81 14.60 8.25
CA MET A 130 8.45 15.15 7.02
C MET A 130 7.64 16.32 6.47
N PHE A 131 6.35 16.41 6.76
CA PHE A 131 5.50 17.46 6.16
C PHE A 131 5.35 18.65 7.09
N VAL A 132 5.91 18.58 8.29
CA VAL A 132 5.63 19.62 9.34
C VAL A 132 6.90 20.44 9.49
N GLU A 133 6.80 21.74 9.22
CA GLU A 133 7.81 22.73 9.65
C GLU A 133 7.23 23.50 10.83
N GLU A 134 8.11 24.09 11.62
CA GLU A 134 7.77 24.79 12.89
C GLU A 134 8.57 26.09 12.99
N CYS A 135 7.89 27.16 13.37
CA CYS A 135 8.56 28.47 13.57
C CYS A 135 9.39 28.43 14.83
N ALA A 136 10.64 28.88 14.74
CA ALA A 136 11.54 28.90 15.91
C ALA A 136 11.02 29.86 16.97
N LYS A 137 10.18 30.82 16.58
CA LYS A 137 9.69 31.83 17.54
C LYS A 137 8.36 31.42 18.14
N CYS A 138 7.26 31.55 17.38
CA CYS A 138 5.93 31.30 18.00
C CYS A 138 5.64 29.81 18.14
N LYS A 139 6.47 28.97 17.53
CA LYS A 139 6.33 27.49 17.64
C LYS A 139 5.11 27.05 16.83
N THR A 140 4.67 27.90 15.91
CA THR A 140 3.52 27.52 15.05
C THR A 140 3.97 26.41 14.09
N GLN A 141 3.17 25.37 13.96
CA GLN A 141 3.45 24.22 13.06
C GLN A 141 2.64 24.39 11.77
N TYR A 142 3.29 24.20 10.64
CA TYR A 142 2.62 24.23 9.31
C TYR A 142 2.63 22.78 8.84
N VAL A 143 1.48 22.20 8.56
CA VAL A 143 1.42 20.85 7.94
C VAL A 143 1.31 21.05 6.45
N ARG A 144 2.36 20.70 5.69
CA ARG A 144 2.47 20.99 4.24
C ARG A 144 1.97 19.82 3.37
N ASP A 145 1.74 20.05 2.09
CA ASP A 145 1.24 19.03 1.14
C ASP A 145 2.40 18.23 0.55
N THR A 146 3.62 18.73 0.67
CA THR A 146 4.85 18.08 0.14
C THR A 146 5.82 18.02 1.31
N VAL A 147 6.80 17.10 1.28
CA VAL A 147 7.76 16.98 2.41
C VAL A 147 8.58 18.28 2.46
N VAL A 148 8.74 18.79 3.68
CA VAL A 148 9.74 19.80 4.09
C VAL A 148 11.13 19.24 3.73
N GLY A 149 11.90 19.97 2.92
CA GLY A 149 13.06 19.43 2.19
C GLY A 149 14.32 19.29 3.03
N THR A 150 14.25 19.51 4.36
CA THR A 150 15.40 19.40 5.30
C THR A 150 15.11 18.32 6.36
N MET A 151 16.17 17.75 6.94
CA MET A 151 16.11 16.89 8.15
C MET A 151 16.99 17.52 9.23
N GLY A 152 16.89 17.08 10.47
CA GLY A 152 17.78 17.52 11.57
C GLY A 152 17.51 18.94 12.06
N LEU A 153 16.27 19.44 11.96
CA LEU A 153 15.78 20.68 12.63
C LEU A 153 16.52 21.92 12.05
N LYS A 154 16.74 21.93 10.73
CA LYS A 154 17.38 23.05 9.97
C LYS A 154 16.31 24.02 9.44
N ALA A 155 16.74 25.23 9.05
CA ALA A 155 15.95 26.21 8.26
C ALA A 155 15.50 25.55 6.94
N THR A 156 14.25 25.78 6.54
CA THR A 156 13.65 25.21 5.30
C THR A 156 13.87 26.21 4.17
N GLY A 157 13.78 27.51 4.50
CA GLY A 157 13.80 28.63 3.54
C GLY A 157 12.62 29.55 3.79
N ARG A 158 11.48 29.00 4.18
CA ARG A 158 10.20 29.74 4.36
C ARG A 158 10.18 30.42 5.74
N LEU A 159 9.32 31.43 5.89
CA LEU A 159 9.18 32.20 7.15
C LEU A 159 7.75 32.08 7.67
N CYS A 160 7.60 32.14 8.98
CA CYS A 160 6.31 32.16 9.73
C CYS A 160 5.43 33.28 9.18
N THR A 161 4.11 33.09 9.17
CA THR A 161 3.09 33.99 8.56
C THR A 161 1.97 34.32 9.57
N VAL A 162 2.15 33.99 10.85
CA VAL A 162 1.16 34.31 11.93
C VAL A 162 1.04 35.83 12.06
N ALA A 163 -0.17 36.32 12.35
CA ALA A 163 -0.58 37.76 12.29
C ALA A 163 0.25 38.58 13.30
N CYS A 171 5.50 37.94 12.70
CA CYS A 171 6.50 36.99 13.26
C CYS A 171 7.65 36.83 12.27
N ARG A 172 7.35 36.42 11.05
CA ARG A 172 8.36 36.23 9.98
C ARG A 172 9.47 35.27 10.48
N GLY A 173 9.15 34.52 11.53
CA GLY A 173 10.11 33.58 12.14
C GLY A 173 10.63 32.54 11.17
N GLU A 174 11.86 32.10 11.39
CA GLU A 174 12.51 31.08 10.53
C GLU A 174 11.83 29.73 10.74
N LEU A 175 11.31 29.14 9.67
CA LEU A 175 10.64 27.81 9.67
C LEU A 175 11.69 26.72 9.51
N ARG A 176 11.62 25.69 10.38
CA ARG A 176 12.55 24.53 10.45
C ARG A 176 11.75 23.22 10.40
N ASP A 177 12.40 22.15 9.94
CA ASP A 177 11.81 20.79 9.89
C ASP A 177 11.68 20.27 11.33
N THR A 178 10.85 19.25 11.52
CA THR A 178 10.59 18.60 12.84
C THR A 178 11.31 17.24 12.89
N ILE A 179 12.07 16.88 11.85
CA ILE A 179 12.83 15.60 11.82
C ILE A 179 14.03 15.68 12.77
N LEU A 180 13.94 14.97 13.90
CA LEU A 180 15.04 14.77 14.89
C LEU A 180 16.27 14.15 14.22
N ASP A 181 17.44 14.74 14.45
CA ASP A 181 18.76 14.11 14.17
C ASP A 181 19.10 13.15 15.32
N TRP A 182 20.02 12.22 15.10
CA TRP A 182 20.48 11.23 16.12
C TRP A 182 20.61 11.86 17.52
N GLU A 183 21.06 13.12 17.64
CA GLU A 183 21.46 13.75 18.93
C GLU A 183 20.29 14.48 19.60
N ASP A 184 19.32 14.90 18.79
CA ASP A 184 18.19 15.80 19.19
C ASP A 184 17.24 15.04 20.12
N SER A 185 16.97 15.58 21.31
CA SER A 185 16.00 15.00 22.28
C SER A 185 14.60 15.20 21.70
N LEU A 186 13.66 14.32 22.10
CA LEU A 186 12.27 14.27 21.59
C LEU A 186 11.54 15.54 21.97
N PRO A 187 10.56 16.01 21.16
CA PRO A 187 9.71 17.12 21.56
C PRO A 187 9.06 16.84 22.93
N ASP A 188 9.17 17.83 23.82
CA ASP A 188 8.81 17.73 25.25
C ASP A 188 7.29 17.56 25.41
N ARG A 189 6.52 18.39 24.69
CA ARG A 189 5.03 18.32 24.69
C ARG A 189 4.62 16.92 24.26
N ASP A 190 5.06 16.48 23.08
CA ASP A 190 4.66 15.17 22.50
C ASP A 190 5.05 14.04 23.46
N LEU A 191 6.29 14.08 23.97
CA LEU A 191 6.85 13.04 24.87
C LEU A 191 6.06 13.06 26.18
N ALA A 192 5.74 14.26 26.67
CA ALA A 192 5.04 14.43 27.96
C ALA A 192 3.66 13.79 27.81
N LEU A 193 2.95 14.10 26.73
CA LEU A 193 1.57 13.59 26.45
C LEU A 193 1.63 12.08 26.15
N ALA A 194 2.63 11.63 25.39
CA ALA A 194 2.80 10.19 25.09
C ALA A 194 3.06 9.42 26.38
N ASP A 195 3.84 9.98 27.29
CA ASP A 195 4.19 9.38 28.60
C ASP A 195 2.94 9.28 29.47
N GLU A 196 2.22 10.39 29.64
CA GLU A 196 1.02 10.47 30.50
C GLU A 196 -0.03 9.48 30.01
N ALA A 197 -0.34 9.48 28.71
CA ALA A 197 -1.24 8.51 28.05
C ALA A 197 -0.76 7.08 28.34
N SER A 198 0.54 6.82 28.25
CA SER A 198 1.13 5.46 28.40
C SER A 198 1.02 4.98 29.86
N ARG A 199 1.25 5.88 30.82
CA ARG A 199 1.15 5.59 32.27
C ARG A 199 -0.30 5.23 32.62
N ASN A 200 -1.26 6.02 32.13
CA ASN A 200 -2.70 5.97 32.51
C ASN A 200 -3.42 4.87 31.74
N ALA A 201 -2.83 4.37 30.66
CA ALA A 201 -3.40 3.30 29.82
C ALA A 201 -3.56 2.01 30.64
N ASP A 202 -4.58 1.21 30.33
CA ASP A 202 -4.71 -0.15 30.88
C ASP A 202 -4.45 -1.14 29.74
N LEU A 203 -4.33 -0.65 28.52
CA LEU A 203 -3.90 -1.48 27.37
C LEU A 203 -3.04 -0.60 26.47
N SER A 204 -1.76 -0.93 26.36
CA SER A 204 -0.85 -0.37 25.34
C SER A 204 -0.68 -1.46 24.30
N ILE A 205 -0.95 -1.16 23.01
CA ILE A 205 -0.79 -2.09 21.86
C ILE A 205 0.27 -1.50 20.94
N THR A 206 1.32 -2.26 20.59
CA THR A 206 2.39 -1.79 19.69
C THR A 206 2.19 -2.45 18.30
N LEU A 207 2.39 -1.67 17.21
CA LEU A 207 2.11 -2.16 15.83
C LEU A 207 3.31 -1.77 14.98
N GLY A 208 4.04 -2.76 14.45
CA GLY A 208 5.14 -2.51 13.50
C GLY A 208 6.27 -1.64 14.07
N THR A 209 6.59 -1.74 15.37
CA THR A 209 7.85 -1.20 15.96
C THR A 209 8.64 -2.35 16.63
N SER A 210 9.97 -2.34 16.47
CA SER A 210 10.96 -3.23 17.13
C SER A 210 11.23 -2.78 18.58
N LEU A 211 10.81 -1.58 18.98
CA LEU A 211 10.84 -1.10 20.39
C LEU A 211 12.29 -0.92 20.88
N GLN A 212 13.19 -0.53 19.99
CA GLN A 212 14.65 -0.52 20.27
C GLN A 212 15.16 0.89 20.62
N ILE A 213 14.38 1.96 20.42
CA ILE A 213 14.83 3.36 20.60
C ILE A 213 14.29 3.87 21.94
N ARG A 214 15.20 4.34 22.80
CA ARG A 214 14.88 5.07 24.04
C ARG A 214 14.56 6.51 23.67
N PRO A 215 13.53 7.14 24.29
CA PRO A 215 12.60 6.48 25.20
C PRO A 215 11.31 6.00 24.54
N SER A 216 11.19 6.21 23.22
CA SER A 216 10.00 5.85 22.41
C SER A 216 9.60 4.40 22.69
N GLY A 217 10.53 3.46 22.52
CA GLY A 217 10.31 2.00 22.68
C GLY A 217 9.96 1.61 24.10
N ASN A 218 10.27 2.45 25.09
CA ASN A 218 10.06 2.10 26.52
C ASN A 218 8.66 2.48 26.98
N LEU A 219 7.98 3.41 26.29
CA LEU A 219 6.67 3.96 26.73
C LEU A 219 5.65 2.85 26.95
N PRO A 220 5.49 1.86 26.04
CA PRO A 220 4.52 0.81 26.25
C PRO A 220 4.73 0.01 27.54
N LEU A 221 5.94 0.05 28.12
CA LEU A 221 6.25 -0.66 29.39
C LEU A 221 5.61 0.04 30.59
N ALA A 222 5.43 1.35 30.49
CA ALA A 222 4.85 2.13 31.60
C ALA A 222 3.42 1.67 31.87
N THR A 223 2.70 1.28 30.83
CA THR A 223 1.34 0.77 30.99
C THR A 223 1.42 -0.48 31.86
N LYS A 224 2.46 -1.28 31.66
CA LYS A 224 2.57 -2.56 32.40
C LYS A 224 2.66 -2.23 33.89
N ARG A 225 3.39 -1.18 34.24
CA ARG A 225 3.36 -0.72 35.65
C ARG A 225 1.90 -0.35 35.88
N ARG A 226 1.36 -0.60 37.07
CA ARG A 226 -0.06 -0.28 37.40
C ARG A 226 -0.97 -1.40 36.88
N GLY A 227 -0.38 -2.48 36.41
CA GLY A 227 -1.19 -3.65 36.00
C GLY A 227 -1.77 -3.57 34.62
N GLY A 228 -1.33 -2.60 33.83
CA GLY A 228 -1.79 -2.50 32.44
C GLY A 228 -1.33 -3.66 31.61
N ARG A 229 -2.14 -4.09 30.64
CA ARG A 229 -1.77 -5.16 29.71
C ARG A 229 -0.93 -4.61 28.55
N LEU A 230 0.02 -5.39 28.05
CA LEU A 230 0.84 -4.98 26.88
C LEU A 230 0.67 -5.97 25.73
N VAL A 231 0.28 -5.48 24.56
CA VAL A 231 0.16 -6.35 23.35
C VAL A 231 1.16 -5.85 22.31
N ILE A 232 2.07 -6.71 21.89
CA ILE A 232 3.03 -6.41 20.80
C ILE A 232 2.55 -7.08 19.52
N VAL A 233 2.40 -6.32 18.44
CA VAL A 233 2.09 -6.86 17.08
C VAL A 233 3.28 -6.52 16.17
N ASN A 234 3.99 -7.52 15.70
CA ASN A 234 5.28 -7.33 15.01
C ASN A 234 5.71 -8.65 14.39
N LEU A 235 6.24 -8.61 13.16
CA LEU A 235 6.74 -9.79 12.41
C LEU A 235 8.06 -10.33 13.01
N GLN A 236 8.85 -9.45 13.63
CA GLN A 236 10.16 -9.77 14.21
C GLN A 236 10.04 -9.70 15.73
N PRO A 237 10.98 -10.36 16.45
CA PRO A 237 11.10 -10.13 17.90
C PRO A 237 11.20 -8.61 18.09
N THR A 238 11.07 -8.13 19.32
CA THR A 238 11.20 -6.71 19.75
C THR A 238 11.87 -6.65 21.12
N LYS A 239 12.41 -5.50 21.52
CA LYS A 239 13.22 -5.41 22.77
C LYS A 239 12.38 -5.96 23.94
N HIS A 240 11.09 -5.64 24.03
CA HIS A 240 10.31 -5.92 25.27
C HIS A 240 9.34 -7.09 25.11
N ASP A 241 9.55 -8.00 24.15
CA ASP A 241 8.66 -9.17 23.92
C ASP A 241 8.32 -9.86 25.25
N ARG A 242 9.32 -10.00 26.14
CA ARG A 242 9.19 -10.70 27.44
C ARG A 242 8.15 -10.03 28.33
N HIS A 243 7.96 -8.71 28.22
CA HIS A 243 7.06 -7.97 29.13
C HIS A 243 5.65 -7.89 28.55
N ALA A 244 5.40 -8.56 27.44
CA ALA A 244 4.12 -8.58 26.71
C ALA A 244 3.14 -9.63 27.26
N ASP A 245 1.87 -9.28 27.38
CA ASP A 245 0.86 -10.28 27.79
C ASP A 245 0.40 -11.04 26.55
N LEU A 246 0.62 -10.48 25.35
CA LEU A 246 0.21 -11.10 24.05
C LEU A 246 1.18 -10.61 22.96
N ARG A 247 1.78 -11.51 22.20
CA ARG A 247 2.62 -11.16 21.04
C ARG A 247 1.97 -11.74 19.80
N ILE A 248 1.69 -10.90 18.81
CA ILE A 248 1.09 -11.39 17.54
C ILE A 248 2.10 -11.16 16.41
N HIS A 249 2.50 -12.27 15.83
CA HIS A 249 3.49 -12.38 14.74
C HIS A 249 2.72 -12.53 13.44
N GLY A 250 2.43 -11.39 12.82
CA GLY A 250 1.76 -11.35 11.51
C GLY A 250 1.74 -9.95 10.99
N TYR A 251 1.28 -9.80 9.74
CA TYR A 251 1.09 -8.47 9.10
C TYR A 251 0.05 -7.69 9.88
N VAL A 252 0.33 -6.41 10.17
CA VAL A 252 -0.57 -5.57 11.01
C VAL A 252 -1.88 -5.34 10.26
N ASP A 253 -1.83 -5.16 8.95
CA ASP A 253 -3.08 -4.96 8.17
C ASP A 253 -4.02 -6.12 8.44
N GLU A 254 -3.51 -7.34 8.36
CA GLU A 254 -4.32 -8.59 8.50
C GLU A 254 -4.89 -8.61 9.93
N VAL A 255 -4.04 -8.36 10.92
CA VAL A 255 -4.42 -8.37 12.36
C VAL A 255 -5.49 -7.31 12.62
N MET A 256 -5.26 -6.11 12.10
CA MET A 256 -6.15 -4.96 12.36
C MET A 256 -7.47 -5.16 11.60
N THR A 257 -7.47 -5.71 10.39
CA THR A 257 -8.74 -6.06 9.69
C THR A 257 -9.51 -7.14 10.46
N ARG A 258 -8.86 -8.19 11.00
CA ARG A 258 -9.60 -9.20 11.78
C ARG A 258 -10.16 -8.54 13.04
N LEU A 259 -9.36 -7.74 13.73
CA LEU A 259 -9.75 -7.08 15.01
C LEU A 259 -10.99 -6.20 14.78
N MET A 260 -10.90 -5.23 13.88
CA MET A 260 -12.03 -4.31 13.56
C MET A 260 -13.28 -5.16 13.26
N LYS A 261 -13.10 -6.24 12.50
CA LYS A 261 -14.19 -7.18 12.15
C LYS A 261 -14.76 -7.78 13.44
N HIS A 262 -13.93 -8.17 14.40
CA HIS A 262 -14.43 -8.70 15.70
C HIS A 262 -15.14 -7.57 16.47
N LEU A 263 -14.77 -6.33 16.22
CA LEU A 263 -15.23 -5.17 17.03
C LEU A 263 -16.55 -4.64 16.47
N GLY A 264 -16.97 -5.11 15.29
CA GLY A 264 -18.15 -4.64 14.56
C GLY A 264 -17.90 -3.35 13.80
N LEU A 265 -16.65 -3.01 13.52
CA LEU A 265 -16.24 -1.70 12.93
C LEU A 265 -15.90 -1.84 11.46
N GLU A 266 -16.28 -0.84 10.68
CA GLU A 266 -15.85 -0.63 9.29
C GLU A 266 -14.55 0.16 9.33
N ILE A 267 -13.66 -0.15 8.41
CA ILE A 267 -12.41 0.62 8.15
C ILE A 267 -12.76 1.66 7.09
N PRO A 268 -12.85 2.94 7.50
CA PRO A 268 -13.34 3.98 6.62
C PRO A 268 -12.44 4.27 5.41
N ALA A 269 -13.08 4.76 4.36
CA ALA A 269 -12.45 5.32 3.14
C ALA A 269 -11.47 6.43 3.54
N TRP A 270 -10.34 6.49 2.86
CA TRP A 270 -9.39 7.64 2.93
C TRP A 270 -9.69 8.58 1.77
N ASP A 271 -10.20 9.78 2.10
CA ASP A 271 -10.71 10.78 1.14
C ASP A 271 -9.53 11.51 0.48
N GLY A 272 -8.29 11.13 0.81
CA GLY A 272 -7.07 11.82 0.36
C GLY A 272 -6.48 12.67 1.49
N PRO A 273 -5.38 13.38 1.27
CA PRO A 273 -4.69 14.07 2.37
C PRO A 273 -5.59 15.08 3.09
N ARG A 274 -5.85 14.85 4.39
CA ARG A 274 -6.65 15.79 5.19
C ARG A 274 -6.03 15.94 6.57
N VAL A 275 -6.10 17.14 7.14
CA VAL A 275 -5.51 17.45 8.46
C VAL A 275 -6.64 17.78 9.42
N LEU A 276 -6.71 17.06 10.53
CA LEU A 276 -7.67 17.34 11.60
C LEU A 276 -6.93 17.74 12.87
N GLU A 277 -7.00 19.00 13.26
CA GLU A 277 -6.32 19.50 14.46
C GLU A 277 -6.89 18.81 15.70
N ARG A 278 -8.22 18.80 15.87
CA ARG A 278 -8.85 18.37 17.14
C ARG A 278 -9.85 17.25 16.88
N ALA A 279 -9.77 16.22 17.73
CA ALA A 279 -10.68 15.06 17.83
C ALA A 279 -12.11 15.59 17.95
N LEU A 280 -12.98 15.15 17.04
CA LEU A 280 -14.40 15.52 16.98
C LEU A 280 -15.06 14.74 18.11
N PRO A 281 -16.35 14.99 18.43
CA PRO A 281 -17.07 14.19 19.43
C PRO A 281 -17.22 12.73 19.02
N PRO A 282 -17.05 11.79 19.97
CA PRO A 282 -17.16 10.34 19.73
C PRO A 282 -18.43 9.81 19.03
N LEU A 283 -18.28 8.81 18.16
CA LEU A 283 -19.37 8.30 17.30
C LEU A 283 -19.95 7.05 17.94
N PRO A 284 -21.19 6.68 17.64
CA PRO A 284 -21.77 5.48 18.25
C PRO A 284 -20.80 4.31 18.03
N ARG A 285 -20.74 3.33 18.93
CA ARG A 285 -20.04 2.05 18.66
C ARG A 285 -20.93 0.88 19.06
N PRO A 286 -20.58 -0.34 18.62
CA PRO A 286 -21.39 -1.51 18.95
C PRO A 286 -21.44 -1.78 20.44
N PRO A 287 -22.54 -2.40 20.94
CA PRO A 287 -22.61 -2.83 22.33
C PRO A 287 -21.55 -3.91 22.51
N THR A 288 -20.94 -3.96 23.70
CA THR A 288 -19.81 -4.85 24.05
C THR A 288 -20.33 -6.27 24.29
N PRO A 289 -19.61 -7.32 23.85
CA PRO A 289 -19.93 -8.68 24.27
C PRO A 289 -19.79 -8.91 25.78
N LYS A 290 -20.53 -9.91 26.26
CA LYS A 290 -20.35 -10.48 27.62
C LYS A 290 -19.08 -11.32 27.58
N LEU A 291 -18.12 -11.02 28.43
CA LEU A 291 -16.73 -11.54 28.30
C LEU A 291 -16.47 -12.70 29.25
N GLU A 292 -16.44 -12.44 30.57
CA GLU A 292 -15.83 -13.36 31.59
C GLU A 292 -16.25 -14.80 31.32
N LYS B 9 14.83 -15.63 -17.40
CA LYS B 9 14.11 -14.64 -16.53
C LYS B 9 14.42 -13.21 -17.00
N GLY B 10 14.87 -13.06 -18.27
CA GLY B 10 15.16 -11.77 -18.92
C GLY B 10 16.10 -10.89 -18.12
N LYS B 11 16.20 -9.62 -18.51
CA LYS B 11 17.06 -8.58 -17.88
C LYS B 11 16.43 -8.08 -16.57
N CYS B 12 17.13 -8.29 -15.45
CA CYS B 12 16.65 -7.99 -14.07
C CYS B 12 17.54 -6.92 -13.43
N GLY B 13 16.98 -6.02 -12.62
CA GLY B 13 17.74 -5.11 -11.75
C GLY B 13 18.33 -3.92 -12.49
N LEU B 14 17.93 -3.70 -13.74
CA LEU B 14 18.31 -2.49 -14.52
C LEU B 14 18.01 -1.26 -13.67
N PRO B 15 18.80 -0.18 -13.79
CA PRO B 15 18.61 1.01 -12.95
C PRO B 15 17.21 1.61 -13.14
N GLU B 16 16.75 2.35 -12.14
CA GLU B 16 15.48 3.11 -12.23
C GLU B 16 15.76 4.49 -12.81
N ILE B 17 14.86 4.95 -13.68
CA ILE B 17 14.79 6.34 -14.20
C ILE B 17 13.68 7.08 -13.46
N PHE B 18 13.94 8.31 -13.04
CA PHE B 18 12.91 9.22 -12.48
C PHE B 18 12.89 10.50 -13.30
N ASP B 19 11.84 10.70 -14.08
CA ASP B 19 11.60 12.02 -14.75
C ASP B 19 11.56 13.08 -13.66
N PRO B 20 12.25 14.23 -13.84
CA PRO B 20 12.14 15.34 -12.88
C PRO B 20 10.72 15.90 -12.91
N PRO B 21 10.29 16.59 -11.82
CA PRO B 21 8.90 16.98 -11.63
C PRO B 21 8.22 17.61 -12.86
N GLU B 22 8.92 18.52 -13.53
CA GLU B 22 8.33 19.41 -14.57
C GLU B 22 8.15 18.61 -15.86
N GLU B 23 9.05 17.66 -16.11
CA GLU B 23 8.95 16.72 -17.25
C GLU B 23 7.79 15.77 -16.95
N LEU B 24 7.64 15.43 -15.66
CA LEU B 24 6.59 14.47 -15.23
C LEU B 24 5.23 15.13 -15.44
N GLU B 25 5.09 16.38 -14.97
CA GLU B 25 3.79 17.11 -15.02
C GLU B 25 3.39 17.31 -16.50
N ARG B 26 4.35 17.57 -17.37
CA ARG B 26 4.11 17.84 -18.81
C ARG B 26 3.69 16.52 -19.46
N LYS B 27 4.38 15.43 -19.15
CA LYS B 27 4.13 14.10 -19.76
C LYS B 27 2.73 13.62 -19.38
N VAL B 28 2.28 13.85 -18.14
CA VAL B 28 0.97 13.31 -17.67
C VAL B 28 -0.15 14.14 -18.31
N TRP B 29 0.11 15.40 -18.66
CA TRP B 29 -0.86 16.26 -19.40
C TRP B 29 -0.99 15.75 -20.83
N GLU B 30 0.14 15.35 -21.42
CA GLU B 30 0.20 14.75 -22.78
C GLU B 30 -0.48 13.37 -22.77
N LEU B 31 -0.40 12.61 -21.66
CA LEU B 31 -1.12 11.32 -21.50
C LEU B 31 -2.63 11.63 -21.41
N ALA B 32 -3.00 12.62 -20.57
CA ALA B 32 -4.38 13.19 -20.50
C ALA B 32 -4.88 13.53 -21.91
N ARG B 33 -4.12 14.31 -22.68
CA ARG B 33 -4.48 14.71 -24.06
C ARG B 33 -4.79 13.45 -24.86
N LEU B 34 -3.92 12.45 -24.79
CA LEU B 34 -4.06 11.21 -25.62
C LEU B 34 -5.29 10.40 -25.21
N VAL B 35 -5.63 10.35 -23.91
CA VAL B 35 -6.87 9.65 -23.45
C VAL B 35 -8.04 10.35 -24.10
N TRP B 36 -8.14 11.67 -23.92
CA TRP B 36 -9.21 12.53 -24.50
C TRP B 36 -9.29 12.32 -26.03
N GLN B 37 -8.15 12.14 -26.70
CA GLN B 37 -8.11 12.07 -28.19
C GLN B 37 -8.45 10.68 -28.69
N SER B 38 -8.48 9.66 -27.83
CA SER B 38 -8.60 8.23 -28.24
C SER B 38 -10.04 7.73 -28.07
N SER B 39 -10.51 6.92 -29.02
CA SER B 39 -11.81 6.22 -29.01
C SER B 39 -11.70 4.91 -28.20
N SER B 40 -10.58 4.21 -28.31
CA SER B 40 -10.40 2.84 -27.76
C SER B 40 -9.07 2.73 -27.01
N VAL B 41 -9.15 2.73 -25.68
CA VAL B 41 -7.97 2.77 -24.78
C VAL B 41 -7.89 1.41 -24.10
N VAL B 42 -6.73 0.77 -24.22
CA VAL B 42 -6.41 -0.54 -23.57
C VAL B 42 -5.23 -0.30 -22.65
N PHE B 43 -5.37 -0.74 -21.40
CA PHE B 43 -4.31 -0.62 -20.38
C PHE B 43 -3.70 -2.01 -20.29
N HIS B 44 -2.38 -2.10 -20.27
CA HIS B 44 -1.65 -3.37 -20.01
C HIS B 44 -0.95 -3.24 -18.67
N THR B 45 -1.18 -4.15 -17.72
CA THR B 45 -0.60 -4.03 -16.36
C THR B 45 0.30 -5.20 -16.00
N GLY B 46 1.31 -4.89 -15.20
CA GLY B 46 2.25 -5.85 -14.61
C GLY B 46 2.54 -5.46 -13.18
N ALA B 47 3.50 -6.15 -12.59
CA ALA B 47 3.70 -6.31 -11.12
C ALA B 47 3.98 -4.95 -10.48
N GLY B 48 4.43 -3.97 -11.29
CA GLY B 48 4.74 -2.61 -10.86
C GLY B 48 3.53 -1.92 -10.26
N ILE B 49 2.32 -2.26 -10.71
CA ILE B 49 1.09 -1.60 -10.19
C ILE B 49 0.68 -2.17 -8.83
N SER B 50 1.37 -3.17 -8.30
CA SER B 50 1.06 -3.82 -6.99
C SER B 50 2.17 -3.64 -5.96
N THR B 51 3.24 -2.91 -6.24
CA THR B 51 4.40 -2.80 -5.30
C THR B 51 4.02 -1.87 -4.16
N ALA B 52 3.24 -0.81 -4.44
CA ALA B 52 2.66 0.14 -3.45
C ALA B 52 1.73 -0.56 -2.47
N SER B 53 1.37 -1.82 -2.75
CA SER B 53 0.52 -2.68 -1.87
C SER B 53 1.39 -3.59 -1.02
N GLY B 54 2.70 -3.68 -1.30
CA GLY B 54 3.65 -4.50 -0.52
C GLY B 54 3.96 -5.82 -1.20
N ILE B 55 3.47 -6.02 -2.44
CA ILE B 55 3.77 -7.24 -3.24
C ILE B 55 4.92 -6.91 -4.16
N PRO B 56 6.12 -7.55 -4.05
CA PRO B 56 7.27 -7.13 -4.81
C PRO B 56 7.03 -7.60 -6.25
N ASP B 57 7.71 -6.95 -7.19
CA ASP B 57 7.65 -7.30 -8.64
C ASP B 57 8.68 -8.41 -8.90
N PHE B 58 8.98 -8.68 -10.17
CA PHE B 58 9.90 -9.77 -10.58
C PHE B 58 11.28 -9.18 -10.84
N ARG B 59 11.36 -8.08 -11.61
CA ARG B 59 12.63 -7.63 -12.25
C ARG B 59 13.07 -6.24 -11.75
N GLY B 60 12.37 -5.66 -10.76
CA GLY B 60 12.79 -4.38 -10.14
C GLY B 60 14.00 -4.60 -9.22
N PRO B 61 14.55 -3.52 -8.62
CA PRO B 61 15.73 -3.64 -7.77
C PRO B 61 15.62 -4.70 -6.67
N HIS B 62 14.41 -4.87 -6.13
CA HIS B 62 14.05 -5.84 -5.07
C HIS B 62 13.03 -6.84 -5.63
N GLY B 63 13.00 -7.00 -6.97
CA GLY B 63 12.15 -8.01 -7.64
C GLY B 63 12.50 -9.43 -7.21
N VAL B 64 11.54 -10.36 -7.36
CA VAL B 64 11.69 -11.80 -7.01
C VAL B 64 12.94 -12.37 -7.72
N TRP B 65 12.97 -12.29 -9.06
CA TRP B 65 14.07 -12.81 -9.90
C TRP B 65 15.37 -12.02 -9.60
N THR B 66 15.28 -10.69 -9.47
CA THR B 66 16.44 -9.81 -9.13
C THR B 66 17.09 -10.29 -7.83
N MET B 67 16.33 -10.41 -6.75
CA MET B 67 16.86 -10.82 -5.42
C MET B 67 17.40 -12.24 -5.50
N GLU B 68 16.68 -13.14 -6.17
CA GLU B 68 17.06 -14.56 -6.40
C GLU B 68 18.49 -14.63 -7.01
N GLU B 69 18.76 -13.87 -8.09
CA GLU B 69 20.07 -13.74 -8.77
C GLU B 69 21.17 -13.36 -7.76
N ARG B 70 20.87 -12.50 -6.79
CA ARG B 70 21.86 -12.00 -5.79
C ARG B 70 21.73 -12.82 -4.51
N GLY B 71 21.13 -14.02 -4.62
CA GLY B 71 21.00 -14.99 -3.52
C GLY B 71 20.27 -14.42 -2.32
N LEU B 72 19.31 -13.52 -2.56
CA LEU B 72 18.47 -12.91 -1.49
C LEU B 72 17.03 -13.35 -1.75
N ALA B 73 16.10 -13.01 -0.85
CA ALA B 73 14.66 -13.35 -0.96
C ALA B 73 13.88 -12.09 -1.36
N PRO B 74 12.80 -12.21 -2.16
CA PRO B 74 11.85 -11.12 -2.29
C PRO B 74 11.23 -10.92 -0.91
N LYS B 75 10.75 -9.71 -0.61
CA LYS B 75 10.06 -9.42 0.68
C LYS B 75 8.61 -9.05 0.35
N PHE B 76 7.67 -9.70 1.02
CA PHE B 76 6.23 -9.35 0.98
C PHE B 76 5.93 -8.50 2.22
N ASP B 77 5.32 -7.33 2.02
CA ASP B 77 4.86 -6.46 3.14
C ASP B 77 3.39 -6.75 3.44
N THR B 78 2.76 -7.64 2.67
CA THR B 78 1.36 -8.10 2.89
C THR B 78 1.25 -9.58 2.52
N THR B 79 0.13 -10.19 2.89
CA THR B 79 -0.34 -11.46 2.29
C THR B 79 -1.08 -11.10 1.01
N PHE B 80 -1.35 -12.09 0.17
CA PHE B 80 -2.16 -11.90 -1.04
C PHE B 80 -3.59 -11.59 -0.63
N GLU B 81 -4.03 -12.16 0.48
CA GLU B 81 -5.44 -12.02 0.92
C GLU B 81 -5.65 -10.62 1.50
N SER B 82 -4.68 -10.08 2.24
CA SER B 82 -4.79 -8.79 2.98
C SER B 82 -4.24 -7.63 2.15
N ALA B 83 -3.78 -7.90 0.93
CA ALA B 83 -3.30 -6.86 0.00
C ALA B 83 -4.48 -6.01 -0.50
N ARG B 84 -4.36 -4.67 -0.43
CA ARG B 84 -5.41 -3.77 -0.94
C ARG B 84 -5.01 -3.30 -2.34
N PRO B 85 -5.94 -3.27 -3.29
CA PRO B 85 -5.69 -2.60 -4.56
C PRO B 85 -5.17 -1.19 -4.30
N THR B 86 -4.28 -0.74 -5.20
CA THR B 86 -3.57 0.54 -5.14
C THR B 86 -4.51 1.57 -5.72
N GLN B 87 -4.23 2.83 -5.46
CA GLN B 87 -4.76 4.01 -6.18
C GLN B 87 -4.78 3.74 -7.70
N THR B 88 -3.78 3.09 -8.25
CA THR B 88 -3.72 2.76 -9.70
C THR B 88 -4.83 1.76 -10.03
N HIS B 89 -4.95 0.71 -9.26
CA HIS B 89 -6.01 -0.32 -9.44
C HIS B 89 -7.40 0.32 -9.49
N MET B 90 -7.64 1.23 -8.55
CA MET B 90 -8.94 1.91 -8.39
C MET B 90 -9.08 3.02 -9.44
N ALA B 91 -8.00 3.62 -9.95
CA ALA B 91 -8.14 4.53 -11.11
C ALA B 91 -8.65 3.70 -12.30
N LEU B 92 -8.12 2.50 -12.51
CA LEU B 92 -8.49 1.65 -13.69
C LEU B 92 -9.96 1.27 -13.61
N VAL B 93 -10.47 1.08 -12.38
CA VAL B 93 -11.88 0.74 -12.11
C VAL B 93 -12.76 1.91 -12.55
N GLN B 94 -12.34 3.15 -12.26
CA GLN B 94 -13.16 4.34 -12.58
C GLN B 94 -13.11 4.64 -14.08
N LEU B 95 -11.94 4.47 -14.67
CA LEU B 95 -11.78 4.79 -16.11
C LEU B 95 -12.65 3.85 -16.92
N GLU B 96 -12.77 2.59 -16.49
CA GLU B 96 -13.66 1.60 -17.14
C GLU B 96 -15.11 2.03 -16.93
N ARG B 97 -15.46 2.53 -15.73
CA ARG B 97 -16.87 2.76 -15.37
C ARG B 97 -17.39 3.94 -16.19
N VAL B 98 -16.51 4.90 -16.51
CA VAL B 98 -16.89 6.16 -17.23
C VAL B 98 -16.64 5.98 -18.73
N GLY B 99 -16.34 4.76 -19.19
CA GLY B 99 -16.21 4.47 -20.63
C GLY B 99 -14.86 4.86 -21.23
N LEU B 100 -13.88 5.33 -20.44
CA LEU B 100 -12.55 5.75 -20.96
C LEU B 100 -11.54 4.61 -20.97
N LEU B 101 -11.92 3.40 -20.56
CA LEU B 101 -11.05 2.21 -20.67
C LEU B 101 -11.87 1.13 -21.37
N ARG B 102 -11.43 0.68 -22.55
CA ARG B 102 -12.15 -0.34 -23.36
C ARG B 102 -11.81 -1.74 -22.82
N PHE B 103 -10.54 -2.01 -22.54
CA PHE B 103 -10.09 -3.36 -22.12
C PHE B 103 -8.83 -3.19 -21.27
N LEU B 104 -8.68 -4.05 -20.27
CA LEU B 104 -7.48 -4.10 -19.40
C LEU B 104 -6.82 -5.43 -19.65
N VAL B 105 -5.52 -5.43 -20.00
CA VAL B 105 -4.69 -6.66 -20.13
C VAL B 105 -3.67 -6.72 -18.98
N SER B 106 -3.74 -7.77 -18.14
CA SER B 106 -2.80 -7.90 -17.00
C SER B 106 -2.06 -9.23 -17.06
N GLN B 107 -0.78 -9.18 -16.71
CA GLN B 107 0.10 -10.35 -16.53
C GLN B 107 0.13 -10.75 -15.05
N ASN B 108 -0.64 -10.06 -14.21
CA ASN B 108 -0.56 -10.24 -12.73
C ASN B 108 -1.46 -11.40 -12.30
N VAL B 109 -0.91 -12.22 -11.42
CA VAL B 109 -1.61 -13.36 -10.80
C VAL B 109 -2.09 -12.98 -9.40
N ASP B 110 -1.80 -11.76 -8.95
CA ASP B 110 -1.97 -11.31 -7.54
C ASP B 110 -3.45 -11.16 -7.19
N GLY B 111 -4.32 -11.14 -8.19
CA GLY B 111 -5.78 -11.22 -7.99
C GLY B 111 -6.45 -9.89 -7.66
N LEU B 112 -5.74 -8.77 -7.72
CA LEU B 112 -6.18 -7.46 -7.18
C LEU B 112 -7.12 -6.76 -8.15
N HIS B 113 -6.98 -6.99 -9.46
CA HIS B 113 -7.89 -6.37 -10.45
C HIS B 113 -9.31 -6.85 -10.24
N VAL B 114 -9.50 -8.15 -10.02
CA VAL B 114 -10.84 -8.75 -9.77
C VAL B 114 -11.34 -8.31 -8.40
N ARG B 115 -10.46 -8.29 -7.41
CA ARG B 115 -10.90 -7.98 -6.03
C ARG B 115 -11.17 -6.47 -5.97
N SER B 116 -10.55 -5.71 -6.86
CA SER B 116 -10.82 -4.26 -6.96
C SER B 116 -12.28 -3.97 -7.40
N GLY B 117 -12.99 -4.94 -7.95
CA GLY B 117 -14.37 -4.75 -8.45
C GLY B 117 -14.34 -4.48 -9.95
N PHE B 118 -13.21 -4.73 -10.58
CA PHE B 118 -13.03 -4.50 -12.02
C PHE B 118 -13.80 -5.60 -12.76
N PRO B 119 -14.63 -5.29 -13.77
CA PRO B 119 -15.38 -6.30 -14.52
C PRO B 119 -14.51 -7.29 -15.33
N ARG B 120 -14.76 -8.58 -15.09
CA ARG B 120 -13.97 -9.71 -15.63
C ARG B 120 -14.14 -9.75 -17.15
N ASP B 121 -15.32 -9.38 -17.66
CA ASP B 121 -15.59 -9.47 -19.10
C ASP B 121 -14.81 -8.38 -19.86
N LYS B 122 -14.10 -7.48 -19.15
CA LYS B 122 -13.19 -6.48 -19.77
C LYS B 122 -11.74 -6.65 -19.32
N LEU B 123 -11.42 -7.80 -18.75
CA LEU B 123 -10.09 -8.13 -18.20
C LEU B 123 -9.60 -9.46 -18.79
N ALA B 124 -8.35 -9.48 -19.26
CA ALA B 124 -7.59 -10.69 -19.60
C ALA B 124 -6.47 -10.81 -18.57
N GLU B 125 -6.53 -11.85 -17.73
CA GLU B 125 -5.49 -12.19 -16.74
C GLU B 125 -4.62 -13.25 -17.41
N LEU B 126 -3.55 -12.80 -18.06
CA LEU B 126 -2.84 -13.59 -19.10
C LEU B 126 -2.05 -14.72 -18.45
N HIS B 127 -1.57 -14.53 -17.22
CA HIS B 127 -0.72 -15.50 -16.51
C HIS B 127 -1.53 -16.18 -15.41
N GLY B 128 -2.85 -15.93 -15.37
CA GLY B 128 -3.75 -16.50 -14.37
C GLY B 128 -3.91 -15.63 -13.13
N ASN B 129 -4.60 -16.17 -12.12
CA ASN B 129 -5.07 -15.49 -10.90
C ASN B 129 -5.02 -16.49 -9.75
N MET B 130 -4.30 -16.16 -8.65
CA MET B 130 -4.03 -17.03 -7.47
C MET B 130 -5.33 -17.46 -6.81
N PHE B 131 -6.42 -16.71 -7.00
CA PHE B 131 -7.71 -16.93 -6.31
C PHE B 131 -8.66 -17.75 -7.20
N VAL B 132 -8.32 -17.94 -8.47
CA VAL B 132 -9.24 -18.55 -9.48
C VAL B 132 -8.81 -20.00 -9.68
N GLU B 133 -9.68 -20.95 -9.31
CA GLU B 133 -9.58 -22.35 -9.81
C GLU B 133 -10.64 -22.53 -10.90
N GLU B 134 -10.43 -23.54 -11.75
CA GLU B 134 -11.20 -23.81 -12.99
C GLU B 134 -11.46 -25.31 -13.12
N CYS B 135 -12.69 -25.66 -13.48
CA CYS B 135 -13.06 -27.07 -13.71
C CYS B 135 -12.43 -27.52 -15.03
N ALA B 136 -11.74 -28.64 -15.01
CA ALA B 136 -11.10 -29.18 -16.23
C ALA B 136 -12.20 -29.55 -17.24
N LYS B 137 -13.41 -29.82 -16.74
CA LYS B 137 -14.48 -30.26 -17.66
C LYS B 137 -15.31 -29.08 -18.15
N CYS B 138 -16.19 -28.53 -17.30
CA CYS B 138 -17.10 -27.47 -17.79
C CYS B 138 -16.35 -26.17 -18.03
N LYS B 139 -15.17 -26.03 -17.44
CA LYS B 139 -14.34 -24.80 -17.57
C LYS B 139 -14.91 -23.71 -16.67
N THR B 140 -15.79 -24.08 -15.74
CA THR B 140 -16.37 -23.10 -14.79
C THR B 140 -15.28 -22.59 -13.86
N GLN B 141 -15.14 -21.26 -13.76
CA GLN B 141 -14.13 -20.60 -12.88
C GLN B 141 -14.81 -20.27 -11.55
N TYR B 142 -14.07 -20.44 -10.47
CA TYR B 142 -14.51 -20.09 -9.09
C TYR B 142 -13.55 -19.02 -8.58
N VAL B 143 -14.05 -17.82 -8.31
CA VAL B 143 -13.20 -16.76 -7.70
C VAL B 143 -13.32 -16.94 -6.19
N ARG B 144 -12.30 -17.52 -5.56
CA ARG B 144 -12.23 -17.81 -4.11
C ARG B 144 -11.80 -16.57 -3.32
N ASP B 145 -11.97 -16.60 -2.00
CA ASP B 145 -11.59 -15.52 -1.04
C ASP B 145 -10.16 -15.70 -0.50
N THR B 146 -9.57 -16.89 -0.62
CA THR B 146 -8.16 -17.18 -0.22
C THR B 146 -7.43 -17.74 -1.45
N VAL B 147 -6.08 -17.70 -1.48
CA VAL B 147 -5.35 -18.16 -2.70
C VAL B 147 -5.53 -19.68 -2.83
N VAL B 148 -5.84 -20.12 -4.04
CA VAL B 148 -5.80 -21.54 -4.46
C VAL B 148 -4.35 -22.02 -4.20
N GLY B 149 -4.19 -23.14 -3.50
CA GLY B 149 -2.91 -23.51 -2.84
C GLY B 149 -1.90 -24.12 -3.79
N THR B 150 -2.22 -24.26 -5.08
CA THR B 150 -1.33 -24.86 -6.10
C THR B 150 -0.92 -23.79 -7.13
N MET B 151 0.20 -24.02 -7.82
CA MET B 151 0.60 -23.28 -9.05
C MET B 151 0.82 -24.32 -10.16
N GLY B 152 0.90 -23.89 -11.42
CA GLY B 152 1.25 -24.77 -12.56
C GLY B 152 0.11 -25.70 -12.98
N LEU B 153 -1.15 -25.26 -12.84
CA LEU B 153 -2.37 -25.88 -13.42
C LEU B 153 -2.60 -27.29 -12.84
N LYS B 154 -2.31 -27.47 -11.55
CA LYS B 154 -2.50 -28.75 -10.80
C LYS B 154 -3.90 -28.81 -10.19
N ALA B 155 -4.33 -30.03 -9.80
CA ALA B 155 -5.51 -30.29 -8.94
C ALA B 155 -5.31 -29.56 -7.61
N THR B 156 -6.40 -28.97 -7.08
CA THR B 156 -6.40 -28.15 -5.83
C THR B 156 -6.88 -29.04 -4.68
N GLY B 157 -7.75 -30.00 -4.98
CA GLY B 157 -8.38 -30.91 -4.00
C GLY B 157 -9.88 -30.86 -4.15
N ARG B 158 -10.42 -29.68 -4.51
CA ARG B 158 -11.88 -29.42 -4.57
C ARG B 158 -12.41 -29.86 -5.93
N LEU B 159 -13.73 -30.10 -6.00
CA LEU B 159 -14.45 -30.56 -7.21
C LEU B 159 -15.48 -29.51 -7.62
N CYS B 160 -15.79 -29.45 -8.92
CA CYS B 160 -16.83 -28.58 -9.53
C CYS B 160 -18.17 -28.89 -8.87
N THR B 161 -19.07 -27.90 -8.84
CA THR B 161 -20.36 -27.94 -8.12
C THR B 161 -21.51 -27.45 -9.02
N VAL B 162 -21.28 -27.34 -10.34
CA VAL B 162 -22.30 -26.87 -11.32
C VAL B 162 -23.41 -27.94 -11.42
N ALA B 163 -24.67 -27.51 -11.57
CA ALA B 163 -25.90 -28.34 -11.48
C ALA B 163 -25.86 -29.51 -12.48
N CYS B 171 -21.45 -32.66 -12.43
CA CYS B 171 -20.09 -32.36 -12.94
C CYS B 171 -19.05 -33.01 -12.04
N ARG B 172 -18.91 -32.50 -10.82
CA ARG B 172 -17.91 -33.02 -9.84
C ARG B 172 -16.50 -33.01 -10.43
N GLY B 173 -16.31 -32.21 -11.49
CA GLY B 173 -15.01 -32.11 -12.18
C GLY B 173 -13.88 -31.62 -11.32
N GLU B 174 -12.68 -32.12 -11.57
CA GLU B 174 -11.46 -31.76 -10.78
C GLU B 174 -11.13 -30.27 -10.99
N LEU B 175 -11.08 -29.49 -9.90
CA LEU B 175 -10.72 -28.05 -9.92
C LEU B 175 -9.20 -27.90 -9.89
N ARG B 176 -8.65 -27.11 -10.83
CA ARG B 176 -7.20 -26.81 -10.95
C ARG B 176 -6.96 -25.29 -10.88
N ASP B 177 -5.75 -24.90 -10.48
CA ASP B 177 -5.31 -23.48 -10.42
C ASP B 177 -5.17 -22.96 -11.86
N THR B 178 -5.12 -21.64 -12.00
CA THR B 178 -5.01 -20.91 -13.30
C THR B 178 -3.60 -20.36 -13.47
N ILE B 179 -2.69 -20.64 -12.53
CA ILE B 179 -1.30 -20.09 -12.53
C ILE B 179 -0.47 -20.87 -13.55
N LEU B 180 -0.15 -20.24 -14.69
CA LEU B 180 0.69 -20.81 -15.76
C LEU B 180 2.06 -21.18 -15.17
N ASP B 181 2.57 -22.37 -15.48
CA ASP B 181 4.01 -22.73 -15.29
C ASP B 181 4.77 -22.18 -16.51
N TRP B 182 6.10 -22.11 -16.42
CA TRP B 182 7.02 -21.59 -17.48
C TRP B 182 6.64 -22.10 -18.88
N GLU B 183 6.18 -23.36 -18.99
CA GLU B 183 5.98 -24.09 -20.28
C GLU B 183 4.57 -23.88 -20.83
N ASP B 184 3.60 -23.54 -19.97
CA ASP B 184 2.15 -23.52 -20.30
C ASP B 184 1.84 -22.31 -21.18
N SER B 185 1.14 -22.53 -22.29
CA SER B 185 0.66 -21.45 -23.20
C SER B 185 -0.51 -20.72 -22.55
N LEU B 186 -0.63 -19.43 -22.88
CA LEU B 186 -1.59 -18.47 -22.27
C LEU B 186 -3.00 -18.94 -22.58
N PRO B 187 -3.97 -18.71 -21.66
CA PRO B 187 -5.37 -19.02 -21.96
C PRO B 187 -5.79 -18.36 -23.28
N ASP B 188 -6.38 -19.17 -24.19
CA ASP B 188 -6.69 -18.77 -25.59
C ASP B 188 -7.73 -17.65 -25.60
N ARG B 189 -8.85 -17.85 -24.89
CA ARG B 189 -9.94 -16.84 -24.76
C ARG B 189 -9.33 -15.50 -24.33
N ASP B 190 -8.65 -15.49 -23.18
CA ASP B 190 -8.01 -14.28 -22.59
C ASP B 190 -7.05 -13.65 -23.61
N LEU B 191 -6.19 -14.47 -24.22
CA LEU B 191 -5.16 -13.98 -25.16
C LEU B 191 -5.86 -13.40 -26.40
N ALA B 192 -6.81 -14.15 -26.95
CA ALA B 192 -7.59 -13.77 -28.15
C ALA B 192 -8.21 -12.39 -27.90
N LEU B 193 -8.93 -12.24 -26.78
CA LEU B 193 -9.63 -10.97 -26.41
C LEU B 193 -8.59 -9.86 -26.21
N ALA B 194 -7.48 -10.16 -25.52
CA ALA B 194 -6.39 -9.22 -25.23
C ALA B 194 -5.75 -8.73 -26.54
N ASP B 195 -5.56 -9.66 -27.49
CA ASP B 195 -5.01 -9.37 -28.84
C ASP B 195 -5.98 -8.47 -29.59
N GLU B 196 -7.24 -8.89 -29.70
CA GLU B 196 -8.28 -8.14 -30.46
C GLU B 196 -8.34 -6.70 -29.94
N ALA B 197 -8.50 -6.57 -28.62
CA ALA B 197 -8.56 -5.27 -27.91
C ALA B 197 -7.32 -4.43 -28.25
N SER B 198 -6.15 -5.07 -28.30
CA SER B 198 -4.83 -4.42 -28.52
C SER B 198 -4.72 -3.94 -29.98
N ARG B 199 -5.16 -4.79 -30.92
CA ARG B 199 -5.16 -4.46 -32.38
C ARG B 199 -6.05 -3.25 -32.64
N ASN B 200 -7.26 -3.23 -32.06
CA ASN B 200 -8.34 -2.25 -32.35
C ASN B 200 -8.16 -0.96 -31.54
N ALA B 201 -7.25 -0.95 -30.55
CA ALA B 201 -6.95 0.22 -29.70
C ALA B 201 -6.31 1.30 -30.56
N ASP B 202 -6.56 2.57 -30.26
CA ASP B 202 -5.79 3.71 -30.81
C ASP B 202 -4.87 4.28 -29.71
N LEU B 203 -5.01 3.79 -28.48
CA LEU B 203 -4.07 4.09 -27.36
C LEU B 203 -3.94 2.84 -26.50
N SER B 204 -2.73 2.27 -26.47
CA SER B 204 -2.27 1.25 -25.49
C SER B 204 -1.38 1.97 -24.49
N ILE B 205 -1.70 1.90 -23.20
CA ILE B 205 -0.88 2.45 -22.07
C ILE B 205 -0.45 1.24 -21.25
N THR B 206 0.86 1.07 -21.04
CA THR B 206 1.42 0.05 -20.13
C THR B 206 1.73 0.70 -18.77
N LEU B 207 1.51 -0.02 -17.68
CA LEU B 207 1.74 0.47 -16.29
C LEU B 207 2.49 -0.63 -15.53
N GLY B 208 3.71 -0.37 -15.09
CA GLY B 208 4.48 -1.28 -14.20
C GLY B 208 4.76 -2.64 -14.80
N THR B 209 5.08 -2.70 -16.10
CA THR B 209 5.61 -3.90 -16.77
C THR B 209 6.89 -3.53 -17.53
N SER B 210 7.88 -4.43 -17.49
CA SER B 210 9.15 -4.39 -18.24
C SER B 210 8.95 -4.86 -19.69
N LEU B 211 7.81 -5.46 -20.00
CA LEU B 211 7.35 -5.88 -21.35
C LEU B 211 8.32 -6.89 -21.96
N GLN B 212 8.78 -7.86 -21.17
CA GLN B 212 9.87 -8.79 -21.57
C GLN B 212 9.33 -10.18 -21.90
N ILE B 213 8.09 -10.51 -21.53
CA ILE B 213 7.50 -11.85 -21.74
C ILE B 213 6.70 -11.83 -23.06
N ARG B 214 7.02 -12.76 -23.96
CA ARG B 214 6.21 -13.06 -25.16
C ARG B 214 5.06 -13.96 -24.75
N PRO B 215 3.84 -13.76 -25.29
CA PRO B 215 3.50 -12.63 -26.16
C PRO B 215 2.83 -11.47 -25.42
N SER B 216 2.69 -11.58 -24.09
CA SER B 216 2.06 -10.55 -23.21
C SER B 216 2.70 -9.19 -23.50
N GLY B 217 4.03 -9.11 -23.40
CA GLY B 217 4.86 -7.89 -23.59
C GLY B 217 4.72 -7.29 -24.97
N ASN B 218 4.33 -8.08 -25.97
CA ASN B 218 4.30 -7.61 -27.38
C ASN B 218 2.93 -7.03 -27.75
N LEU B 219 1.88 -7.34 -26.99
CA LEU B 219 0.49 -6.90 -27.31
C LEU B 219 0.39 -5.39 -27.45
N PRO B 220 1.04 -4.59 -26.58
CA PRO B 220 0.99 -3.13 -26.74
C PRO B 220 1.55 -2.61 -28.08
N LEU B 221 2.34 -3.41 -28.80
CA LEU B 221 2.96 -3.03 -30.09
C LEU B 221 1.94 -3.15 -31.22
N ALA B 222 0.99 -4.08 -31.09
CA ALA B 222 -0.09 -4.33 -32.07
C ALA B 222 -0.92 -3.04 -32.26
N THR B 223 -1.11 -2.27 -31.18
CA THR B 223 -1.76 -0.93 -31.22
C THR B 223 -0.96 -0.02 -32.18
N LYS B 224 0.37 -0.09 -32.13
CA LYS B 224 1.25 0.78 -32.98
C LYS B 224 0.89 0.52 -34.46
N ARG B 225 0.83 -0.74 -34.87
CA ARG B 225 0.28 -1.16 -36.19
C ARG B 225 -1.08 -0.45 -36.24
N ARG B 226 -1.42 0.15 -37.40
CA ARG B 226 -2.67 0.91 -37.63
C ARG B 226 -2.52 2.33 -37.08
N GLY B 227 -1.31 2.71 -36.66
CA GLY B 227 -0.94 4.08 -36.27
C GLY B 227 -1.48 4.49 -34.92
N GLY B 228 -1.94 3.53 -34.10
CA GLY B 228 -2.29 3.74 -32.68
C GLY B 228 -1.09 4.22 -31.89
N ARG B 229 -1.31 4.97 -30.81
CA ARG B 229 -0.25 5.52 -29.95
C ARG B 229 0.05 4.49 -28.85
N LEU B 230 1.30 4.47 -28.38
CA LEU B 230 1.78 3.59 -27.28
C LEU B 230 2.36 4.46 -26.18
N VAL B 231 1.85 4.34 -24.94
CA VAL B 231 2.42 5.06 -23.78
C VAL B 231 2.91 4.03 -22.77
N ILE B 232 4.21 4.06 -22.48
CA ILE B 232 4.83 3.20 -21.44
C ILE B 232 4.97 4.03 -20.15
N VAL B 233 4.47 3.51 -19.03
CA VAL B 233 4.67 4.10 -17.69
C VAL B 233 5.41 3.06 -16.86
N ASN B 234 6.60 3.40 -16.38
CA ASN B 234 7.52 2.40 -15.77
C ASN B 234 8.77 3.09 -15.25
N LEU B 235 9.31 2.61 -14.13
CA LEU B 235 10.48 3.16 -13.41
C LEU B 235 11.78 2.75 -14.11
N GLN B 236 11.75 1.60 -14.79
CA GLN B 236 12.92 1.02 -15.46
C GLN B 236 12.70 1.09 -16.95
N PRO B 237 13.79 0.96 -17.74
CA PRO B 237 13.67 0.69 -19.18
C PRO B 237 12.75 -0.52 -19.37
N THR B 238 12.26 -0.72 -20.59
CA THR B 238 11.37 -1.83 -21.01
C THR B 238 11.80 -2.29 -22.40
N LYS B 239 11.54 -3.53 -22.77
CA LYS B 239 11.91 -4.07 -24.11
C LYS B 239 11.55 -3.01 -25.17
N HIS B 240 10.35 -2.41 -25.15
CA HIS B 240 9.77 -1.71 -26.31
C HIS B 240 9.80 -0.18 -26.14
N ASP B 241 10.67 0.37 -25.29
CA ASP B 241 10.75 1.83 -25.02
C ASP B 241 10.86 2.61 -26.33
N ARG B 242 11.57 2.06 -27.32
CA ARG B 242 11.80 2.78 -28.59
C ARG B 242 10.50 2.92 -29.37
N HIS B 243 9.61 1.96 -29.23
CA HIS B 243 8.36 1.93 -30.03
C HIS B 243 7.30 2.85 -29.41
N ALA B 244 7.60 3.52 -28.29
CA ALA B 244 6.66 4.32 -27.46
C ALA B 244 6.58 5.75 -27.97
N ASP B 245 5.36 6.32 -28.03
CA ASP B 245 5.14 7.76 -28.33
C ASP B 245 5.42 8.59 -27.07
N LEU B 246 5.34 7.98 -25.89
CA LEU B 246 5.50 8.68 -24.58
C LEU B 246 5.99 7.65 -23.56
N ARG B 247 7.07 7.95 -22.86
CA ARG B 247 7.59 7.13 -21.74
C ARG B 247 7.50 7.98 -20.48
N ILE B 248 6.83 7.48 -19.45
CA ILE B 248 6.76 8.20 -18.15
C ILE B 248 7.48 7.36 -17.11
N HIS B 249 8.58 7.91 -16.60
CA HIS B 249 9.49 7.33 -15.59
C HIS B 249 9.11 7.91 -14.24
N GLY B 250 8.19 7.24 -13.56
CA GLY B 250 7.74 7.57 -12.21
C GLY B 250 6.81 6.52 -11.64
N TYR B 251 6.44 6.67 -10.37
CA TYR B 251 5.50 5.77 -9.68
C TYR B 251 4.14 5.86 -10.36
N VAL B 252 3.54 4.72 -10.68
CA VAL B 252 2.24 4.63 -11.43
C VAL B 252 1.13 5.26 -10.59
N ASP B 253 1.19 5.12 -9.26
CA ASP B 253 0.17 5.79 -8.39
C ASP B 253 0.20 7.28 -8.65
N GLU B 254 1.35 7.90 -8.56
CA GLU B 254 1.53 9.37 -8.73
C GLU B 254 1.00 9.76 -10.12
N VAL B 255 1.34 8.99 -11.13
CA VAL B 255 1.00 9.29 -12.55
C VAL B 255 -0.51 9.16 -12.70
N MET B 256 -1.06 8.14 -12.09
CA MET B 256 -2.49 7.82 -12.26
C MET B 256 -3.32 8.81 -11.43
N THR B 257 -2.85 9.21 -10.24
CA THR B 257 -3.52 10.29 -9.47
C THR B 257 -3.43 11.64 -10.20
N ARG B 258 -2.29 11.99 -10.80
CA ARG B 258 -2.24 13.26 -11.57
C ARG B 258 -3.18 13.16 -12.78
N LEU B 259 -3.23 12.00 -13.44
CA LEU B 259 -4.00 11.83 -14.71
C LEU B 259 -5.49 12.00 -14.41
N MET B 260 -6.02 11.14 -13.53
CA MET B 260 -7.44 11.18 -13.10
C MET B 260 -7.80 12.63 -12.77
N LYS B 261 -6.95 13.28 -11.99
CA LYS B 261 -7.14 14.70 -11.61
C LYS B 261 -7.29 15.54 -12.87
N HIS B 262 -6.48 15.34 -13.90
CA HIS B 262 -6.61 16.13 -15.16
C HIS B 262 -7.96 15.79 -15.82
N LEU B 263 -8.41 14.54 -15.71
CA LEU B 263 -9.64 14.02 -16.37
C LEU B 263 -10.91 14.45 -15.63
N GLY B 264 -10.76 14.97 -14.42
CA GLY B 264 -11.91 15.39 -13.61
C GLY B 264 -12.51 14.20 -12.93
N LEU B 265 -11.74 13.13 -12.81
CA LEU B 265 -12.28 11.87 -12.27
C LEU B 265 -11.76 11.60 -10.86
N GLU B 266 -12.65 11.27 -9.95
CA GLU B 266 -12.24 10.87 -8.59
C GLU B 266 -11.78 9.41 -8.60
N ILE B 267 -10.94 9.04 -7.64
CA ILE B 267 -10.49 7.63 -7.52
C ILE B 267 -11.36 7.00 -6.43
N PRO B 268 -12.10 5.94 -6.77
CA PRO B 268 -13.02 5.38 -5.83
C PRO B 268 -12.61 4.56 -4.61
N ALA B 269 -13.34 4.70 -3.51
CA ALA B 269 -13.22 3.84 -2.33
C ALA B 269 -13.31 2.38 -2.78
N TRP B 270 -12.39 1.56 -2.25
CA TRP B 270 -12.45 0.09 -2.34
C TRP B 270 -13.22 -0.46 -1.14
N ASP B 271 -14.39 -1.02 -1.38
CA ASP B 271 -15.27 -1.51 -0.29
C ASP B 271 -14.85 -2.90 0.16
N GLY B 272 -13.61 -3.30 -0.10
CA GLY B 272 -13.19 -4.67 0.24
C GLY B 272 -13.31 -5.62 -0.93
N PRO B 273 -12.97 -6.92 -0.76
CA PRO B 273 -12.94 -7.82 -1.91
C PRO B 273 -14.32 -7.98 -2.54
N ARG B 274 -14.44 -7.69 -3.82
CA ARG B 274 -15.74 -7.74 -4.51
C ARG B 274 -15.54 -8.26 -5.94
N VAL B 275 -16.44 -9.10 -6.44
CA VAL B 275 -16.25 -9.69 -7.79
C VAL B 275 -17.34 -9.21 -8.74
N LEU B 276 -16.97 -8.64 -9.88
CA LEU B 276 -17.95 -8.17 -10.88
C LEU B 276 -17.70 -8.93 -12.18
N GLU B 277 -18.62 -9.81 -12.53
CA GLU B 277 -18.50 -10.61 -13.76
C GLU B 277 -18.57 -9.68 -14.97
N ARG B 278 -19.58 -8.83 -15.05
CA ARG B 278 -19.90 -8.08 -16.29
C ARG B 278 -19.85 -6.58 -16.01
N ALA B 279 -19.16 -5.85 -16.88
CA ALA B 279 -19.21 -4.37 -17.00
C ALA B 279 -20.66 -3.89 -16.94
N LEU B 280 -20.97 -3.03 -15.96
CA LEU B 280 -22.27 -2.34 -15.82
C LEU B 280 -22.32 -1.26 -16.89
N PRO B 281 -23.48 -0.61 -17.11
CA PRO B 281 -23.59 0.46 -18.12
C PRO B 281 -22.79 1.70 -17.72
N PRO B 282 -22.06 2.31 -18.68
CA PRO B 282 -21.22 3.48 -18.43
C PRO B 282 -21.85 4.65 -17.65
N LEU B 283 -21.09 5.22 -16.73
CA LEU B 283 -21.53 6.35 -15.86
C LEU B 283 -21.22 7.67 -16.55
N PRO B 284 -21.85 8.80 -16.17
CA PRO B 284 -21.52 10.08 -16.78
C PRO B 284 -20.02 10.37 -16.62
N ARG B 285 -19.46 11.20 -17.51
CA ARG B 285 -18.04 11.65 -17.39
C ARG B 285 -17.97 13.12 -17.79
N PRO B 286 -16.90 13.82 -17.37
CA PRO B 286 -16.75 15.23 -17.69
C PRO B 286 -16.75 15.49 -19.18
N PRO B 287 -17.23 16.68 -19.61
CA PRO B 287 -17.07 17.10 -21.00
C PRO B 287 -15.58 17.24 -21.30
N THR B 288 -15.17 16.89 -22.51
CA THR B 288 -13.75 16.85 -22.94
C THR B 288 -13.27 18.28 -23.16
N PRO B 289 -12.00 18.62 -22.83
CA PRO B 289 -11.39 19.87 -23.30
C PRO B 289 -11.32 20.04 -24.83
N LYS B 290 -11.19 21.28 -25.28
CA LYS B 290 -10.75 21.63 -26.66
C LYS B 290 -9.25 21.41 -26.71
N LEU B 291 -8.77 20.64 -27.67
CA LEU B 291 -7.37 20.13 -27.68
C LEU B 291 -6.51 20.90 -28.69
N GLU B 292 -6.97 21.08 -29.94
CA GLU B 292 -6.20 21.80 -31.01
C GLU B 292 -7.04 22.93 -31.64
N1 AR6 C . 3.30 -6.02 9.72
C2 AR6 C . 3.86 -6.17 10.92
N3 AR6 C . 5.10 -5.89 11.32
C4 AR6 C . 5.79 -5.37 10.30
C5 AR6 C . 5.35 -5.15 9.01
C6 AR6 C . 4.02 -5.49 8.72
N6 AR6 C . 3.41 -5.29 7.56
N7 AR6 C . 6.38 -4.60 8.26
C8 AR6 C . 7.39 -4.51 9.08
N9 AR6 C . 7.10 -4.99 10.33
PA AR6 C . 11.91 -0.79 12.91
PB AR6 C . 10.82 1.55 14.26
C1' AR6 C . 7.96 -5.00 11.53
O1A AR6 C . 13.01 -0.68 13.90
O1B AR6 C . 9.58 2.34 13.97
C1D AR6 C . 14.90 4.67 13.44
O1D AR6 C . 16.21 4.97 13.64
C2' AR6 C . 9.43 -5.31 11.29
O2' AR6 C . 9.57 -6.72 11.35
O2A AR6 C . 12.20 -1.11 11.48
O2B AR6 C . 10.82 0.66 15.45
C2D AR6 C . 13.99 5.89 13.17
O2D AR6 C . 14.30 6.96 14.03
C3' AR6 C . 10.13 -4.53 12.44
O3' AR6 C . 10.32 -5.32 13.60
O3A AR6 C . 11.17 0.65 12.96
C3D AR6 C . 12.62 5.31 13.57
O3D AR6 C . 11.61 6.26 13.91
C4' AR6 C . 9.14 -3.42 12.83
O4' AR6 C . 7.93 -3.69 12.06
C4D AR6 C . 13.01 4.60 14.86
O4D AR6 C . 14.34 4.08 14.65
C5' AR6 C . 9.59 -2.01 12.60
O5' AR6 C . 10.74 -1.71 13.45
C5D AR6 C . 12.11 3.47 15.30
O5D AR6 C . 12.11 2.48 14.27
ZN ZN D . 6.23 32.42 14.22
N PCA E . 11.95 7.63 6.02
CA PCA E . 11.57 6.26 5.72
CB PCA E . 12.95 5.57 5.67
CG PCA E . 13.87 6.70 5.19
CD PCA E . 13.10 7.97 5.44
OE PCA E . 13.48 9.12 5.20
C PCA E . 10.62 5.66 6.74
O PCA E . 9.79 6.43 7.25
OXT PCA E . 10.66 4.43 7.01
C1 EDO F . 18.09 7.78 5.79
O1 EDO F . 17.11 7.98 6.81
C2 EDO F . 19.35 8.58 5.97
O2 EDO F . 19.81 8.63 7.31
C1 PGE G . 15.50 8.64 10.63
O1 PGE G . 16.39 8.89 9.54
C2 PGE G . 16.30 8.29 11.86
O2 PGE G . 17.06 9.44 12.25
C3 PGE G . 17.59 9.30 13.59
C4 PGE G . 16.71 10.12 14.55
O4 PGE G . 15.14 9.82 19.02
C6 PGE G . 15.78 9.14 17.93
C5 PGE G . 15.61 9.88 16.65
O3 PGE G . 16.42 9.26 15.64
S SO4 H . 4.32 -16.29 21.05
O1 SO4 H . 3.46 -17.01 21.96
O2 SO4 H . 5.45 -15.76 21.74
O3 SO4 H . 3.58 -15.20 20.46
O4 SO4 H . 4.76 -17.19 20.03
S SO4 I . 11.78 22.62 0.68
O1 SO4 I . 10.97 22.24 1.81
O2 SO4 I . 12.79 23.56 1.14
O3 SO4 I . 10.98 23.22 -0.35
O4 SO4 I . 12.42 21.45 0.12
S SO4 J . 3.62 6.36 37.80
O1 SO4 J . 4.78 7.22 37.81
O2 SO4 J . 3.70 5.43 38.89
O3 SO4 J . 2.42 7.15 37.93
O4 SO4 J . 3.60 5.64 36.55
S SO4 K . 13.80 5.92 29.12
O1 SO4 K . 13.50 7.30 29.42
O2 SO4 K . 14.70 5.38 30.14
O3 SO4 K . 12.60 5.12 29.11
O4 SO4 K . 14.44 5.85 27.83
C1 PEG L . 11.47 8.52 -2.71
O1 PEG L . 11.60 8.36 -4.13
C2 PEG L . 12.81 8.57 -2.06
O2 PEG L . 12.69 9.00 -0.70
C3 PEG L . 13.92 9.49 -0.16
C4 PEG L . 13.66 10.38 1.02
O4 PEG L . 14.45 10.02 2.13
N1 AR6 M . 5.67 2.52 -10.55
C2 AR6 M . 6.17 2.33 -11.78
N3 AR6 M . 6.87 1.29 -12.25
C4 AR6 M . 7.06 0.38 -11.27
C5 AR6 M . 6.64 0.46 -9.95
C6 AR6 M . 5.90 1.59 -9.58
N6 AR6 M . 5.42 1.78 -8.35
N7 AR6 M . 7.06 -0.66 -9.26
C8 AR6 M . 7.72 -1.37 -10.14
N9 AR6 M . 7.75 -0.80 -11.36
PA AR6 M . 8.40 -7.10 -13.95
PB AR6 M . 5.96 -7.99 -15.11
C1' AR6 M . 8.36 -1.33 -12.59
O1A AR6 M . 9.05 -7.80 -15.09
O1B AR6 M . 4.51 -7.94 -14.72
C1D AR6 M . 7.08 -13.03 -14.55
O1D AR6 M . 7.74 -14.17 -14.90
C2' AR6 M . 9.73 -1.97 -12.46
O2' AR6 M . 10.70 -0.96 -12.68
O2A AR6 M . 9.04 -7.05 -12.59
O2B AR6 M . 6.43 -7.10 -16.21
C2D AR6 M . 5.62 -13.33 -14.19
O2D AR6 M . 5.03 -14.32 -15.00
C3' AR6 M . 9.74 -3.00 -13.60
O3' AR6 M . 10.29 -2.46 -14.80
O3A AR6 M . 6.91 -7.69 -13.85
C3D AR6 M . 4.97 -11.99 -14.49
O3D AR6 M . 3.55 -12.01 -14.59
C4' AR6 M . 8.25 -3.31 -13.81
O4' AR6 M . 7.50 -2.34 -13.07
C4D AR6 M . 5.63 -11.71 -15.84
O4D AR6 M . 7.00 -12.13 -15.66
C5' AR6 M . 7.81 -4.68 -13.33
O5' AR6 M . 8.05 -5.62 -14.40
C5D AR6 M . 5.60 -10.28 -16.28
O5D AR6 M . 6.37 -9.51 -15.34
ZN ZN N . -17.42 -28.68 -13.87
N PCA O . 3.54 -13.42 -6.87
CA PCA O . 4.19 -12.16 -6.55
CB PCA O . 5.66 -12.58 -6.66
CG PCA O . 5.64 -14.03 -6.18
CD PCA O . 4.22 -14.49 -6.42
OE PCA O . 3.76 -15.62 -6.22
C PCA O . 3.78 -10.97 -7.46
O PCA O . 4.54 -10.04 -7.84
OXT PCA O . 2.57 -10.94 -7.75
C1 PEG P . 2.80 -14.04 1.69
O1 PEG P . 3.25 -14.30 3.02
C2 PEG P . 3.80 -14.45 0.67
O2 PEG P . 3.20 -15.30 -0.31
C3 PEG P . 4.15 -16.05 -1.08
C4 PEG P . 3.45 -16.77 -2.20
O4 PEG P . 4.24 -17.74 -2.82
S SO4 Q . 11.12 -4.19 -0.54
O1 SO4 Q . 10.51 -2.92 -0.51
O2 SO4 Q . 10.84 -4.89 0.67
O3 SO4 Q . 12.53 -4.04 -0.68
O4 SO4 Q . 10.64 -5.00 -1.65
S SO4 R . 12.34 9.63 -22.35
O1 SO4 R . 10.94 9.75 -22.08
O2 SO4 R . 13.10 9.89 -21.14
O3 SO4 R . 12.72 10.59 -23.34
O4 SO4 R . 12.64 8.30 -22.81
S SO4 S . -6.07 -25.14 -1.21
O1 SO4 S . -6.76 -24.67 -0.03
O2 SO4 S . -4.76 -25.56 -0.83
O3 SO4 S . -5.99 -24.08 -2.19
O4 SO4 S . -6.80 -26.26 -1.78
#